data_5T66
#
_entry.id   5T66
#
_cell.length_a   43.463
_cell.length_b   76.106
_cell.length_c   149.375
_cell.angle_alpha   90.00
_cell.angle_beta   90.00
_cell.angle_gamma   90.00
#
_symmetry.space_group_name_H-M   'P 2 21 21'
#
loop_
_entity.id
_entity.type
_entity.pdbx_description
1 polymer Beta-lactamase
2 non-polymer '(3R)-3-(cyclohexylcarbonylamino)-2-oxidanyl-3,4-dihydro-1,2-benzoxaborinine-8-carboxylic acid'
3 water water
#
_entity_poly.entity_id   1
_entity_poly.type   'polypeptide(L)'
_entity_poly.pdbx_seq_one_letter_code
;MVKKSLRQFTLMATATVTLLLGSVPLYAQTADVQQKLAELERQSGGRLGVALINTADNSQILYRADERFAMCSTSKVMAA
AAVLKKSESEPNLLNQRVEIKKSDLVNYNPIAEKHVNGTMSLAELSAAALQYSDNVAMNKLIAHVGGPASVTAFARQLGD
ETFRLDRTEPTLNTAIPGDPRDTTSPRAMAQTLRNLTLGKALGDSQRAQLVTWMKGNTTGAASIQAGLPASWVVGDKTGS
GGYGTTNDIAVIWPKDRAPLILVTYFTQPQPKAESRRDVLASAAKIVTDGL
;
_entity_poly.pdbx_strand_id   A,B
#
loop_
_chem_comp.id
_chem_comp.type
_chem_comp.name
_chem_comp.formula
C6S non-polymer '(3R)-3-(cyclohexylcarbonylamino)-2-oxidanyl-3,4-dihydro-1,2-benzoxaborinine-8-carboxylic acid' 'C16 H20 B N O5'
#
# COMPACT_ATOMS: atom_id res chain seq x y z
C THR A 30 7.49 -20.85 -0.06
N ALA A 31 8.47 -21.65 0.34
CA ALA A 31 8.35 -23.09 0.27
C ALA A 31 7.52 -23.62 1.44
N ASP A 32 7.64 -22.97 2.60
CA ASP A 32 6.82 -23.33 3.75
C ASP A 32 5.34 -23.15 3.44
N VAL A 33 4.98 -22.01 2.85
CA VAL A 33 3.58 -21.74 2.54
C VAL A 33 3.05 -22.76 1.53
N GLN A 34 3.87 -23.11 0.52
CA GLN A 34 3.46 -24.13 -0.44
C GLN A 34 3.08 -25.42 0.26
N GLN A 35 3.88 -25.84 1.24
CA GLN A 35 3.60 -27.09 1.94
C GLN A 35 2.34 -26.98 2.79
N LYS A 36 2.13 -25.83 3.42
CA LYS A 36 0.91 -25.64 4.20
C LYS A 36 -0.32 -25.71 3.31
N LEU A 37 -0.28 -25.05 2.16
CA LEU A 37 -1.39 -25.12 1.23
C LEU A 37 -1.60 -26.54 0.72
N ALA A 38 -0.50 -27.26 0.46
CA ALA A 38 -0.63 -28.65 0.04
C ALA A 38 -1.29 -29.49 1.13
N GLU A 39 -0.98 -29.25 2.40
CA GLU A 39 -1.60 -30.03 3.47
C GLU A 39 -3.05 -29.64 3.67
N LEU A 40 -3.34 -28.33 3.65
CA LEU A 40 -4.73 -27.89 3.64
C LEU A 40 -5.52 -28.60 2.55
N GLU A 41 -4.98 -28.62 1.34
CA GLU A 41 -5.65 -29.26 0.21
C GLU A 41 -5.91 -30.74 0.51
N ARG A 42 -4.88 -31.46 0.97
CA ARG A 42 -5.05 -32.89 1.25
C ARG A 42 -6.21 -33.14 2.20
N GLN A 43 -6.21 -32.45 3.34
CA GLN A 43 -7.29 -32.62 4.32
C GLN A 43 -8.64 -32.24 3.74
N SER A 44 -8.68 -31.27 2.83
CA SER A 44 -9.95 -30.80 2.29
C SER A 44 -10.59 -31.83 1.36
N GLY A 45 -9.80 -32.71 0.76
CA GLY A 45 -10.33 -33.67 -0.19
C GLY A 45 -10.57 -33.12 -1.58
N GLY A 46 -10.21 -31.86 -1.83
CA GLY A 46 -10.46 -31.26 -3.13
C GLY A 46 -9.20 -30.75 -3.82
N ARG A 47 -9.38 -29.78 -4.69
CA ARG A 47 -8.30 -29.15 -5.44
C ARG A 47 -8.34 -27.66 -5.17
N LEU A 48 -7.21 -27.12 -4.72
CA LEU A 48 -7.13 -25.74 -4.24
C LEU A 48 -6.22 -24.94 -5.15
N GLY A 49 -6.68 -23.75 -5.54
CA GLY A 49 -5.89 -22.83 -6.32
C GLY A 49 -5.76 -21.48 -5.66
N VAL A 50 -4.54 -20.98 -5.48
CA VAL A 50 -4.27 -19.75 -4.74
C VAL A 50 -3.33 -18.87 -5.53
N ALA A 51 -3.65 -17.58 -5.60
CA ALA A 51 -2.76 -16.57 -6.18
C ALA A 51 -2.85 -15.33 -5.31
N LEU A 52 -1.77 -15.01 -4.62
CA LEU A 52 -1.67 -13.81 -3.82
C LEU A 52 -0.63 -12.88 -4.45
N ILE A 53 -1.03 -11.64 -4.67
CA ILE A 53 -0.12 -10.60 -5.17
C ILE A 53 0.02 -9.56 -4.07
N ASN A 54 1.25 -9.30 -3.66
CA ASN A 54 1.57 -8.26 -2.69
C ASN A 54 2.12 -7.06 -3.47
N THR A 55 1.31 -5.99 -3.56
CA THR A 55 1.69 -4.84 -4.37
C THR A 55 2.80 -4.01 -3.73
N ALA A 56 3.20 -4.31 -2.50
CA ALA A 56 4.34 -3.60 -1.91
C ALA A 56 5.58 -3.76 -2.77
N ASP A 57 5.87 -5.00 -3.20
CA ASP A 57 7.04 -5.30 -4.01
C ASP A 57 6.72 -6.22 -5.17
N ASN A 58 5.45 -6.48 -5.45
CA ASN A 58 5.04 -7.37 -6.55
C ASN A 58 5.48 -8.81 -6.30
N SER A 59 5.67 -9.19 -5.03
CA SER A 59 5.91 -10.57 -4.70
C SER A 59 4.59 -11.34 -4.72
N GLN A 60 4.70 -12.67 -4.85
CA GLN A 60 3.51 -13.50 -5.05
C GLN A 60 3.64 -14.81 -4.29
N ILE A 61 2.50 -15.37 -3.91
CA ILE A 61 2.38 -16.74 -3.45
C ILE A 61 1.43 -17.45 -4.40
N LEU A 62 1.92 -18.50 -5.06
CA LEU A 62 1.19 -19.19 -6.12
C LEU A 62 1.07 -20.67 -5.79
N TYR A 63 -0.14 -21.21 -5.91
CA TYR A 63 -0.39 -22.64 -5.69
C TYR A 63 -1.43 -23.09 -6.70
N ARG A 64 -1.03 -24.00 -7.59
CA ARG A 64 -1.85 -24.39 -8.74
C ARG A 64 -2.37 -23.16 -9.46
N ALA A 65 -1.57 -22.08 -9.48
CA ALA A 65 -2.01 -20.80 -9.97
C ALA A 65 -2.18 -20.77 -11.48
N ASP A 66 -1.65 -21.75 -12.21
CA ASP A 66 -1.82 -21.83 -13.64
C ASP A 66 -2.82 -22.90 -14.06
N GLU A 67 -3.45 -23.58 -13.10
CA GLU A 67 -4.49 -24.53 -13.41
C GLU A 67 -5.82 -23.81 -13.58
N ARG A 68 -6.72 -24.45 -14.34
CA ARG A 68 -8.02 -23.86 -14.62
C ARG A 68 -9.02 -24.28 -13.56
N PHE A 69 -9.85 -23.32 -13.17
CA PHE A 69 -10.96 -23.53 -12.23
C PHE A 69 -12.19 -22.86 -12.79
N ALA A 70 -13.35 -23.48 -12.55
CA ALA A 70 -14.62 -22.83 -12.85
C ALA A 70 -14.74 -21.58 -11.99
N MET A 71 -14.92 -20.43 -12.65
CA MET A 71 -15.02 -19.16 -11.95
C MET A 71 -16.30 -19.06 -11.13
N CYS A 72 -17.38 -19.67 -11.60
CA CYS A 72 -18.70 -19.46 -11.03
C CYS A 72 -18.91 -17.95 -10.88
N SER A 73 -19.57 -17.52 -9.82
CA SER A 73 -19.98 -16.10 -9.71
C SER A 73 -18.81 -15.11 -9.57
N THR A 74 -17.56 -15.57 -9.42
CA THR A 74 -16.43 -14.63 -9.38
C THR A 74 -16.29 -13.98 -10.77
N SER A 75 -16.86 -14.63 -11.78
CA SER A 75 -16.87 -14.04 -13.13
C SER A 75 -17.72 -12.78 -13.19
N LYS A 76 -18.62 -12.59 -12.23
CA LYS A 76 -19.48 -11.40 -12.27
C LYS A 76 -18.68 -10.11 -12.12
N VAL A 77 -17.47 -10.18 -11.58
CA VAL A 77 -16.61 -9.00 -11.54
C VAL A 77 -16.26 -8.58 -12.97
N MET A 78 -15.94 -9.56 -13.82
CA MET A 78 -15.58 -9.24 -15.20
C MET A 78 -16.75 -8.65 -15.96
N ALA A 79 -17.95 -9.19 -15.76
CA ALA A 79 -19.13 -8.68 -16.46
C ALA A 79 -19.44 -7.25 -16.03
N ALA A 80 -19.43 -6.98 -14.72
CA ALA A 80 -19.66 -5.62 -14.24
C ALA A 80 -18.59 -4.68 -14.74
N ALA A 81 -17.34 -5.15 -14.79
CA ALA A 81 -16.25 -4.30 -15.28
C ALA A 81 -16.43 -3.97 -16.74
N ALA A 82 -16.91 -4.93 -17.54
CA ALA A 82 -17.14 -4.66 -18.96
C ALA A 82 -18.22 -3.60 -19.15
N VAL A 83 -19.26 -3.64 -18.33
CA VAL A 83 -20.29 -2.60 -18.39
C VAL A 83 -19.71 -1.25 -17.99
N LEU A 84 -18.91 -1.22 -16.92
CA LEU A 84 -18.24 0.02 -16.53
C LEU A 84 -17.37 0.56 -17.66
N LYS A 85 -16.62 -0.32 -18.32
CA LYS A 85 -15.82 0.11 -19.47
C LYS A 85 -16.71 0.70 -20.55
N LYS A 86 -17.82 0.03 -20.86
CA LYS A 86 -18.74 0.54 -21.86
C LYS A 86 -19.24 1.94 -21.50
N SER A 87 -19.49 2.18 -20.20
CA SER A 87 -19.99 3.48 -19.75
C SER A 87 -18.95 4.58 -19.90
N GLU A 88 -17.67 4.25 -20.08
CA GLU A 88 -16.65 5.28 -20.26
C GLU A 88 -16.88 6.09 -21.53
N SER A 89 -17.59 5.53 -22.51
CA SER A 89 -17.97 6.26 -23.71
C SER A 89 -19.47 6.45 -23.83
N GLU A 90 -20.24 6.04 -22.83
CA GLU A 90 -21.70 6.24 -22.78
C GLU A 90 -22.02 6.75 -21.39
N PRO A 91 -21.92 8.07 -21.16
CA PRO A 91 -21.85 8.56 -19.76
C PRO A 91 -23.08 8.25 -18.91
N ASN A 92 -24.28 8.24 -19.48
CA ASN A 92 -25.48 7.97 -18.70
C ASN A 92 -25.86 6.49 -18.72
N LEU A 93 -24.94 5.62 -19.12
CA LEU A 93 -25.27 4.21 -19.35
C LEU A 93 -25.82 3.55 -18.10
N LEU A 94 -25.20 3.81 -16.94
CA LEU A 94 -25.57 3.10 -15.73
C LEU A 94 -26.97 3.47 -15.24
N ASN A 95 -27.56 4.54 -15.76
CA ASN A 95 -28.92 4.91 -15.40
C ASN A 95 -29.97 4.34 -16.34
N GLN A 96 -29.57 3.68 -17.43
CA GLN A 96 -30.54 3.10 -18.35
C GLN A 96 -31.29 1.97 -17.68
N ARG A 97 -32.58 1.84 -18.00
CA ARG A 97 -33.44 0.87 -17.35
C ARG A 97 -33.45 -0.43 -18.13
N VAL A 98 -33.46 -1.54 -17.39
CA VAL A 98 -33.52 -2.88 -17.96
C VAL A 98 -34.76 -3.56 -17.38
N GLU A 99 -35.58 -4.12 -18.26
CA GLU A 99 -36.78 -4.83 -17.81
C GLU A 99 -36.41 -6.13 -17.11
N ILE A 100 -37.01 -6.36 -15.97
CA ILE A 100 -36.90 -7.63 -15.24
C ILE A 100 -38.19 -8.40 -15.43
N LYS A 101 -38.11 -9.57 -16.07
CA LYS A 101 -39.27 -10.37 -16.40
C LYS A 101 -39.34 -11.61 -15.51
N LYS A 102 -40.56 -12.06 -15.22
CA LYS A 102 -40.72 -13.30 -14.48
C LYS A 102 -39.99 -14.45 -15.15
N SER A 103 -40.08 -14.52 -16.49
CA SER A 103 -39.40 -15.59 -17.22
C SER A 103 -37.88 -15.45 -17.17
N ASP A 104 -37.35 -14.33 -16.67
CA ASP A 104 -35.92 -14.19 -16.48
C ASP A 104 -35.43 -14.91 -15.23
N LEU A 105 -36.29 -15.11 -14.25
CA LEU A 105 -35.85 -15.66 -12.97
C LEU A 105 -35.24 -17.04 -13.17
N VAL A 106 -34.12 -17.28 -12.48
CA VAL A 106 -33.46 -18.58 -12.52
C VAL A 106 -33.41 -19.14 -11.11
N ASN A 107 -32.25 -19.65 -10.69
CA ASN A 107 -32.15 -20.40 -9.43
C ASN A 107 -31.87 -19.51 -8.23
N TYR A 108 -31.27 -18.33 -8.41
CA TYR A 108 -30.87 -17.50 -7.28
C TYR A 108 -31.01 -16.04 -7.71
N ASN A 109 -32.12 -15.42 -7.30
CA ASN A 109 -32.49 -14.08 -7.76
C ASN A 109 -32.89 -13.18 -6.59
N PRO A 110 -32.03 -13.06 -5.57
CA PRO A 110 -32.46 -12.36 -4.35
C PRO A 110 -32.92 -10.93 -4.57
N ILE A 111 -32.31 -10.21 -5.50
CA ILE A 111 -32.70 -8.84 -5.80
C ILE A 111 -33.68 -8.77 -6.97
N ALA A 112 -33.39 -9.51 -8.03
CA ALA A 112 -34.21 -9.42 -9.24
C ALA A 112 -35.63 -9.89 -9.00
N GLU A 113 -35.83 -10.90 -8.13
CA GLU A 113 -37.17 -11.38 -7.87
C GLU A 113 -38.05 -10.30 -7.26
N LYS A 114 -37.44 -9.31 -6.60
CA LYS A 114 -38.18 -8.21 -6.01
C LYS A 114 -38.61 -7.17 -7.05
N HIS A 115 -38.00 -7.18 -8.23
CA HIS A 115 -38.28 -6.18 -9.25
C HIS A 115 -38.94 -6.77 -10.49
N VAL A 116 -39.44 -8.00 -10.42
CA VAL A 116 -40.17 -8.56 -11.55
C VAL A 116 -41.36 -7.67 -11.86
N ASN A 117 -41.69 -7.57 -13.15
CA ASN A 117 -42.73 -6.67 -13.64
C ASN A 117 -42.31 -5.22 -13.53
N GLY A 118 -41.05 -4.95 -13.19
CA GLY A 118 -40.52 -3.60 -13.19
C GLY A 118 -39.22 -3.52 -13.96
N THR A 119 -38.41 -2.53 -13.64
CA THR A 119 -37.10 -2.37 -14.25
C THR A 119 -36.06 -2.16 -13.15
N MET A 120 -34.81 -2.37 -13.54
CA MET A 120 -33.66 -2.00 -12.73
C MET A 120 -32.67 -1.28 -13.62
N SER A 121 -31.96 -0.32 -13.03
CA SER A 121 -30.88 0.34 -13.75
C SER A 121 -29.68 -0.60 -13.86
N LEU A 122 -28.80 -0.29 -14.80
CA LEU A 122 -27.55 -1.06 -14.91
C LEU A 122 -26.68 -0.90 -13.67
N ALA A 123 -26.72 0.27 -13.04
CA ALA A 123 -26.03 0.44 -11.77
C ALA A 123 -26.58 -0.52 -10.73
N GLU A 124 -27.90 -0.57 -10.60
CA GLU A 124 -28.52 -1.47 -9.64
C GLU A 124 -28.24 -2.92 -9.98
N LEU A 125 -28.19 -3.26 -11.27
CA LEU A 125 -27.90 -4.64 -11.67
C LEU A 125 -26.45 -4.99 -11.37
N SER A 126 -25.53 -4.05 -11.59
CA SER A 126 -24.14 -4.28 -11.24
C SER A 126 -23.98 -4.52 -9.74
N ALA A 127 -24.59 -3.68 -8.92
CA ALA A 127 -24.51 -3.87 -7.48
C ALA A 127 -25.15 -5.19 -7.06
N ALA A 128 -26.30 -5.52 -7.64
CA ALA A 128 -27.00 -6.75 -7.28
C ALA A 128 -26.15 -7.98 -7.59
N ALA A 129 -25.48 -7.96 -8.74
CA ALA A 129 -24.61 -9.08 -9.12
C ALA A 129 -23.40 -9.16 -8.19
N LEU A 130 -22.79 -8.02 -7.87
CA LEU A 130 -21.53 -8.05 -7.12
C LEU A 130 -21.75 -8.27 -5.64
N GLN A 131 -22.82 -7.71 -5.07
CA GLN A 131 -23.00 -7.67 -3.63
C GLN A 131 -23.94 -8.75 -3.09
N TYR A 132 -24.80 -9.31 -3.95
CA TYR A 132 -25.71 -10.36 -3.55
C TYR A 132 -25.59 -11.60 -4.44
N SER A 133 -24.74 -11.54 -5.47
CA SER A 133 -24.55 -12.64 -6.42
C SER A 133 -25.88 -13.02 -7.09
N ASP A 134 -26.68 -12.01 -7.40
CA ASP A 134 -27.92 -12.23 -8.15
C ASP A 134 -27.59 -12.74 -9.56
N ASN A 135 -28.22 -13.85 -9.95
CA ASN A 135 -27.90 -14.45 -11.24
C ASN A 135 -28.63 -13.75 -12.38
N VAL A 136 -29.84 -13.24 -12.14
CA VAL A 136 -30.54 -12.49 -13.17
C VAL A 136 -29.74 -11.25 -13.53
N ALA A 137 -29.21 -10.55 -12.52
CA ALA A 137 -28.42 -9.35 -12.79
C ALA A 137 -27.22 -9.67 -13.68
N MET A 138 -26.52 -10.77 -13.40
CA MET A 138 -25.41 -11.19 -14.22
C MET A 138 -25.85 -11.38 -15.67
N ASN A 139 -26.98 -12.08 -15.89
CA ASN A 139 -27.46 -12.31 -17.24
C ASN A 139 -27.75 -11.00 -17.95
N LYS A 140 -28.25 -9.99 -17.23
CA LYS A 140 -28.50 -8.69 -17.84
C LYS A 140 -27.17 -7.99 -18.16
N LEU A 141 -26.16 -8.14 -17.30
CA LEU A 141 -24.86 -7.55 -17.57
C LEU A 141 -24.23 -8.20 -18.80
N ILE A 142 -24.26 -9.54 -18.86
CA ILE A 142 -23.73 -10.25 -20.02
C ILE A 142 -24.43 -9.80 -21.28
N ALA A 143 -25.77 -9.79 -21.26
CA ALA A 143 -26.53 -9.46 -22.46
C ALA A 143 -26.24 -8.04 -22.93
N HIS A 144 -26.04 -7.11 -22.00
CA HIS A 144 -25.88 -5.71 -22.39
C HIS A 144 -24.59 -5.47 -23.15
N VAL A 145 -23.55 -6.29 -22.92
CA VAL A 145 -22.28 -6.11 -23.63
C VAL A 145 -22.18 -7.02 -24.84
N GLY A 146 -23.23 -7.76 -25.16
CA GLY A 146 -23.26 -8.56 -26.38
C GLY A 146 -23.16 -10.05 -26.19
N GLY A 147 -23.08 -10.54 -24.96
CA GLY A 147 -23.02 -11.96 -24.70
C GLY A 147 -21.70 -12.39 -24.09
N PRO A 148 -21.61 -13.67 -23.68
CA PRO A 148 -20.38 -14.14 -23.01
C PRO A 148 -19.12 -13.93 -23.83
N ALA A 149 -19.19 -14.05 -25.15
CA ALA A 149 -18.00 -13.87 -25.97
C ALA A 149 -17.48 -12.43 -25.88
N SER A 150 -18.36 -11.47 -25.65
CA SER A 150 -17.93 -10.08 -25.50
C SER A 150 -17.32 -9.83 -24.14
N VAL A 151 -17.80 -10.48 -23.09
CA VAL A 151 -17.12 -10.43 -21.80
C VAL A 151 -15.73 -11.02 -21.93
N THR A 152 -15.60 -12.11 -22.68
CA THR A 152 -14.29 -12.69 -22.93
C THR A 152 -13.41 -11.73 -23.73
N ALA A 153 -13.99 -11.10 -24.75
CA ALA A 153 -13.22 -10.13 -25.53
C ALA A 153 -12.72 -9.00 -24.64
N PHE A 154 -13.52 -8.58 -23.66
CA PHE A 154 -13.08 -7.54 -22.73
C PHE A 154 -11.85 -7.99 -21.96
N ALA A 155 -11.86 -9.22 -21.44
CA ALA A 155 -10.69 -9.75 -20.75
C ALA A 155 -9.47 -9.75 -21.66
N ARG A 156 -9.64 -10.13 -22.92
CA ARG A 156 -8.54 -10.06 -23.88
C ARG A 156 -8.02 -8.63 -24.01
N GLN A 157 -8.94 -7.67 -24.08
CA GLN A 157 -8.53 -6.27 -24.17
C GLN A 157 -7.66 -5.87 -22.98
N LEU A 158 -7.85 -6.51 -21.83
CA LEU A 158 -7.06 -6.24 -20.64
C LEU A 158 -5.78 -7.07 -20.59
N GLY A 159 -5.46 -7.81 -21.64
CA GLY A 159 -4.29 -8.66 -21.63
C GLY A 159 -4.49 -10.00 -20.96
N ASP A 160 -5.72 -10.35 -20.60
CA ASP A 160 -6.02 -11.64 -19.98
C ASP A 160 -6.38 -12.64 -21.08
N GLU A 161 -5.45 -13.56 -21.36
CA GLU A 161 -5.66 -14.58 -22.39
C GLU A 161 -6.21 -15.88 -21.83
N THR A 162 -6.44 -15.97 -20.53
CA THR A 162 -6.87 -17.18 -19.86
C THR A 162 -8.36 -17.21 -19.59
N PHE A 163 -8.93 -16.10 -19.12
CA PHE A 163 -10.35 -15.99 -18.87
C PHE A 163 -11.15 -16.41 -20.10
N ARG A 164 -12.18 -17.22 -19.88
CA ARG A 164 -13.16 -17.49 -20.92
C ARG A 164 -14.53 -17.65 -20.28
N LEU A 165 -15.50 -16.88 -20.75
CA LEU A 165 -16.89 -17.02 -20.35
C LEU A 165 -17.66 -17.57 -21.54
N ASP A 166 -18.34 -18.70 -21.34
CA ASP A 166 -18.99 -19.41 -22.43
C ASP A 166 -20.50 -19.47 -22.31
N ARG A 167 -21.05 -19.46 -21.11
CA ARG A 167 -22.46 -19.70 -20.88
C ARG A 167 -23.02 -18.60 -19.97
N THR A 168 -24.34 -18.58 -19.86
CA THR A 168 -25.05 -17.65 -19.01
C THR A 168 -25.37 -18.31 -17.68
N GLU A 169 -26.03 -17.56 -16.79
CA GLU A 169 -26.54 -18.10 -15.54
C GLU A 169 -27.80 -18.91 -15.81
N PRO A 170 -27.96 -20.06 -15.13
CA PRO A 170 -27.08 -20.63 -14.10
C PRO A 170 -26.09 -21.68 -14.60
N THR A 171 -26.17 -22.06 -15.88
CA THR A 171 -25.36 -23.21 -16.32
C THR A 171 -23.87 -22.94 -16.31
N LEU A 172 -23.43 -21.69 -16.20
CA LEU A 172 -21.98 -21.45 -16.17
C LEU A 172 -21.34 -21.94 -14.88
N ASN A 173 -22.11 -22.40 -13.91
CA ASN A 173 -21.60 -22.86 -12.62
C ASN A 173 -21.53 -24.39 -12.51
N THR A 174 -21.69 -25.12 -13.61
CA THR A 174 -21.69 -26.57 -13.52
C THR A 174 -20.37 -27.10 -12.97
N ALA A 175 -19.25 -26.53 -13.42
CA ALA A 175 -17.95 -26.83 -12.85
C ALA A 175 -17.60 -28.32 -12.99
N ILE A 176 -17.87 -28.87 -14.16
CA ILE A 176 -17.57 -30.28 -14.41
C ILE A 176 -16.06 -30.44 -14.54
N PRO A 177 -15.43 -31.36 -13.80
CA PRO A 177 -13.99 -31.58 -13.98
C PRO A 177 -13.66 -31.90 -15.42
N GLY A 178 -12.57 -31.30 -15.92
CA GLY A 178 -12.17 -31.46 -17.29
C GLY A 178 -12.82 -30.49 -18.26
N ASP A 179 -13.88 -29.80 -17.84
CA ASP A 179 -14.60 -28.89 -18.73
C ASP A 179 -13.93 -27.52 -18.69
N PRO A 180 -13.42 -27.01 -19.80
CA PRO A 180 -12.76 -25.69 -19.78
C PRO A 180 -13.73 -24.51 -19.81
N ARG A 181 -15.02 -24.75 -20.04
CA ARG A 181 -15.97 -23.65 -20.14
C ARG A 181 -16.03 -22.86 -18.85
N ASP A 182 -16.03 -21.54 -18.98
CA ASP A 182 -16.27 -20.64 -17.85
C ASP A 182 -15.20 -20.81 -16.78
N THR A 183 -13.96 -20.99 -17.20
CA THR A 183 -12.83 -21.18 -16.30
C THR A 183 -11.81 -20.06 -16.46
N THR A 184 -10.92 -19.97 -15.47
CA THR A 184 -9.71 -19.16 -15.57
C THR A 184 -8.70 -19.76 -14.59
N SER A 185 -7.50 -19.17 -14.55
CA SER A 185 -6.51 -19.61 -13.59
C SER A 185 -6.40 -18.62 -12.44
N PRO A 186 -5.96 -19.05 -11.25
CA PRO A 186 -5.79 -18.08 -10.16
C PRO A 186 -4.82 -16.96 -10.50
N ARG A 187 -3.75 -17.26 -11.22
CA ARG A 187 -2.81 -16.21 -11.61
C ARG A 187 -3.49 -15.19 -12.51
N ALA A 188 -4.16 -15.66 -13.55
CA ALA A 188 -4.79 -14.75 -14.51
C ALA A 188 -5.82 -13.85 -13.84
N MET A 189 -6.65 -14.43 -12.96
N MET A 189 -6.65 -14.43 -12.96
CA MET A 189 -7.69 -13.63 -12.31
CA MET A 189 -7.69 -13.64 -12.31
C MET A 189 -7.10 -12.67 -11.30
C MET A 189 -7.10 -12.67 -11.30
N ALA A 190 -6.07 -13.10 -10.56
CA ALA A 190 -5.42 -12.20 -9.61
C ALA A 190 -4.82 -11.00 -10.33
N GLN A 191 -4.15 -11.23 -11.46
CA GLN A 191 -3.56 -10.12 -12.21
C GLN A 191 -4.63 -9.22 -12.79
N THR A 192 -5.72 -9.80 -13.32
CA THR A 192 -6.78 -8.97 -13.87
C THR A 192 -7.50 -8.20 -12.77
N LEU A 193 -7.73 -8.83 -11.61
CA LEU A 193 -8.37 -8.10 -10.52
C LEU A 193 -7.48 -6.95 -10.05
N ARG A 194 -6.16 -7.13 -10.04
CA ARG A 194 -5.26 -6.03 -9.72
C ARG A 194 -5.45 -4.89 -10.72
N ASN A 195 -5.47 -5.22 -12.01
CA ASN A 195 -5.62 -4.20 -13.03
C ASN A 195 -6.97 -3.50 -12.91
N LEU A 196 -8.02 -4.23 -12.51
CA LEU A 196 -9.35 -3.63 -12.40
C LEU A 196 -9.47 -2.75 -11.16
N THR A 197 -8.98 -3.22 -10.00
CA THR A 197 -9.23 -2.53 -8.73
C THR A 197 -8.11 -1.60 -8.30
N LEU A 198 -6.88 -1.84 -8.73
CA LEU A 198 -5.76 -0.99 -8.39
C LEU A 198 -5.04 -0.42 -9.60
N GLY A 199 -5.23 -1.00 -10.79
CA GLY A 199 -4.55 -0.58 -11.98
C GLY A 199 -5.37 0.36 -12.85
N LYS A 200 -5.04 0.37 -14.14
CA LYS A 200 -5.61 1.30 -15.10
C LYS A 200 -6.47 0.58 -16.15
N ALA A 201 -7.01 -0.58 -15.81
CA ALA A 201 -7.92 -1.26 -16.74
C ALA A 201 -9.17 -0.43 -17.00
N LEU A 202 -9.72 0.17 -15.94
CA LEU A 202 -10.88 1.04 -16.03
C LEU A 202 -10.46 2.48 -15.76
N GLY A 203 -11.27 3.42 -16.25
CA GLY A 203 -11.12 4.80 -15.86
C GLY A 203 -11.18 4.93 -14.36
N ASP A 204 -10.50 5.93 -13.79
CA ASP A 204 -10.38 5.99 -12.34
C ASP A 204 -11.74 6.16 -11.67
N SER A 205 -12.64 6.90 -12.30
CA SER A 205 -14.00 7.01 -11.77
C SER A 205 -14.70 5.65 -11.77
N GLN A 206 -14.52 4.87 -12.84
CA GLN A 206 -15.14 3.55 -12.90
C GLN A 206 -14.48 2.59 -11.92
N ARG A 207 -13.16 2.68 -11.79
CA ARG A 207 -12.45 1.86 -10.81
C ARG A 207 -12.98 2.12 -9.41
N ALA A 208 -13.22 3.39 -9.07
CA ALA A 208 -13.74 3.72 -7.75
C ALA A 208 -15.13 3.12 -7.53
N GLN A 209 -15.97 3.14 -8.57
CA GLN A 209 -17.30 2.54 -8.44
C GLN A 209 -17.21 1.03 -8.26
N LEU A 210 -16.36 0.36 -9.04
CA LEU A 210 -16.19 -1.07 -8.88
C LEU A 210 -15.70 -1.40 -7.48
N VAL A 211 -14.71 -0.66 -6.98
CA VAL A 211 -14.15 -0.93 -5.67
C VAL A 211 -15.21 -0.69 -4.59
N THR A 212 -15.93 0.42 -4.69
CA THR A 212 -16.99 0.70 -3.73
C THR A 212 -18.02 -0.43 -3.71
N TRP A 213 -18.43 -0.89 -4.90
CA TRP A 213 -19.39 -2.00 -4.96
C TRP A 213 -18.84 -3.23 -4.26
N MET A 214 -17.59 -3.61 -4.55
CA MET A 214 -17.03 -4.82 -3.97
C MET A 214 -16.84 -4.69 -2.46
N LYS A 215 -16.47 -3.50 -1.98
CA LYS A 215 -16.38 -3.29 -0.54
C LYS A 215 -17.74 -3.41 0.14
N GLY A 216 -18.83 -3.29 -0.61
CA GLY A 216 -20.17 -3.47 -0.09
C GLY A 216 -20.73 -4.87 -0.23
N ASN A 217 -19.92 -5.85 -0.59
CA ASN A 217 -20.40 -7.22 -0.73
C ASN A 217 -20.97 -7.73 0.59
N THR A 218 -22.03 -8.54 0.49
CA THR A 218 -22.67 -9.14 1.66
C THR A 218 -22.44 -10.64 1.78
N THR A 219 -21.75 -11.27 0.83
CA THR A 219 -21.68 -12.72 0.77
C THR A 219 -20.34 -13.29 1.25
N GLY A 220 -19.38 -12.45 1.62
CA GLY A 220 -18.02 -12.90 1.81
C GLY A 220 -17.53 -13.05 3.24
N ALA A 221 -18.40 -12.95 4.24
CA ALA A 221 -17.94 -12.91 5.63
C ALA A 221 -17.30 -14.22 6.06
N ALA A 222 -17.69 -15.35 5.46
CA ALA A 222 -17.18 -16.64 5.87
C ALA A 222 -16.04 -17.14 5.00
N SER A 223 -15.60 -16.37 4.02
CA SER A 223 -14.58 -16.82 3.09
C SER A 223 -13.24 -16.14 3.38
N ILE A 224 -12.64 -15.47 2.39
CA ILE A 224 -11.33 -14.85 2.59
C ILE A 224 -11.35 -13.96 3.83
N GLN A 225 -12.37 -13.11 3.96
CA GLN A 225 -12.48 -12.21 5.09
C GLN A 225 -12.28 -12.96 6.41
N ALA A 226 -12.84 -14.16 6.53
CA ALA A 226 -12.82 -14.91 7.78
C ALA A 226 -11.42 -15.36 8.19
N GLY A 227 -10.44 -15.30 7.28
CA GLY A 227 -9.08 -15.66 7.59
C GLY A 227 -8.17 -14.47 7.80
N LEU A 228 -8.70 -13.25 7.82
CA LEU A 228 -7.93 -12.03 7.95
C LEU A 228 -8.32 -11.28 9.22
N PRO A 229 -7.44 -10.45 9.76
CA PRO A 229 -7.81 -9.61 10.90
C PRO A 229 -9.00 -8.71 10.59
N ALA A 230 -9.80 -8.45 11.61
CA ALA A 230 -11.03 -7.69 11.44
C ALA A 230 -10.75 -6.26 10.98
N SER A 231 -9.58 -5.72 11.30
CA SER A 231 -9.26 -4.34 10.95
C SER A 231 -8.92 -4.18 9.47
N TRP A 232 -8.73 -5.26 8.73
CA TRP A 232 -8.37 -5.16 7.32
C TRP A 232 -9.61 -4.94 6.48
N VAL A 233 -9.50 -4.07 5.48
CA VAL A 233 -10.62 -3.73 4.61
C VAL A 233 -10.57 -4.65 3.39
N VAL A 234 -11.71 -5.23 3.05
CA VAL A 234 -11.79 -6.25 2.01
C VAL A 234 -12.91 -5.87 1.04
N GLY A 235 -12.59 -5.94 -0.25
CA GLY A 235 -13.61 -5.96 -1.29
C GLY A 235 -13.50 -7.26 -2.05
N ASP A 236 -14.55 -8.08 -2.05
CA ASP A 236 -14.44 -9.44 -2.57
C ASP A 236 -15.69 -9.82 -3.35
N LYS A 237 -15.54 -10.86 -4.17
CA LYS A 237 -16.65 -11.51 -4.85
C LYS A 237 -16.50 -13.01 -4.70
N THR A 238 -17.52 -13.66 -4.14
CA THR A 238 -17.54 -15.09 -3.90
C THR A 238 -18.13 -15.84 -5.10
N GLY A 239 -18.00 -17.16 -5.06
CA GLY A 239 -18.61 -18.01 -6.06
C GLY A 239 -18.91 -19.38 -5.51
N SER A 240 -20.03 -19.96 -5.98
CA SER A 240 -20.46 -21.30 -5.62
C SER A 240 -20.97 -22.02 -6.86
N GLY A 241 -20.69 -23.31 -6.95
CA GLY A 241 -21.15 -24.07 -8.10
C GLY A 241 -21.18 -25.55 -7.82
N GLY A 242 -21.43 -26.31 -8.89
CA GLY A 242 -21.41 -27.75 -8.80
C GLY A 242 -20.06 -28.26 -8.36
N TYR A 243 -20.03 -29.55 -8.03
CA TYR A 243 -18.83 -30.20 -7.52
C TYR A 243 -18.26 -29.45 -6.33
N GLY A 244 -19.16 -28.93 -5.49
CA GLY A 244 -18.78 -28.23 -4.28
C GLY A 244 -17.80 -27.09 -4.50
N THR A 245 -17.83 -26.50 -5.70
CA THR A 245 -16.91 -25.40 -6.01
C THR A 245 -17.20 -24.20 -5.12
N THR A 246 -16.15 -23.68 -4.49
CA THR A 246 -16.25 -22.60 -3.51
C THR A 246 -15.09 -21.66 -3.79
N ASN A 247 -15.40 -20.43 -4.22
CA ASN A 247 -14.40 -19.48 -4.70
C ASN A 247 -14.55 -18.13 -4.00
N ASP A 248 -13.48 -17.35 -4.06
CA ASP A 248 -13.49 -15.97 -3.59
C ASP A 248 -12.28 -15.24 -4.17
N ILE A 249 -12.51 -14.03 -4.69
CA ILE A 249 -11.43 -13.17 -5.16
C ILE A 249 -11.59 -11.81 -4.49
N ALA A 250 -10.48 -11.23 -4.06
CA ALA A 250 -10.55 -10.07 -3.18
C ALA A 250 -9.40 -9.12 -3.44
N VAL A 251 -9.69 -7.82 -3.28
CA VAL A 251 -8.68 -6.80 -3.09
C VAL A 251 -8.71 -6.41 -1.62
N ILE A 252 -7.53 -6.34 -1.00
CA ILE A 252 -7.40 -6.23 0.45
C ILE A 252 -6.47 -5.08 0.77
N TRP A 253 -6.89 -4.21 1.68
CA TRP A 253 -6.06 -3.14 2.21
C TRP A 253 -5.71 -3.47 3.65
N PRO A 254 -4.59 -4.12 3.92
CA PRO A 254 -4.22 -4.42 5.31
C PRO A 254 -3.83 -3.16 6.07
N LYS A 255 -3.93 -3.26 7.39
CA LYS A 255 -3.51 -2.16 8.26
C LYS A 255 -2.00 -1.98 8.17
N ASP A 256 -1.56 -0.80 7.75
CA ASP A 256 -0.14 -0.46 7.71
C ASP A 256 0.64 -1.33 6.71
N ARG A 257 -0.02 -1.74 5.63
CA ARG A 257 0.63 -2.50 4.57
C ARG A 257 0.04 -2.09 3.24
N ALA A 258 0.82 -2.27 2.18
CA ALA A 258 0.34 -2.01 0.84
C ALA A 258 -0.77 -3.00 0.50
N PRO A 259 -1.64 -2.67 -0.44
CA PRO A 259 -2.78 -3.55 -0.73
C PRO A 259 -2.34 -4.88 -1.33
N LEU A 260 -3.21 -5.88 -1.15
CA LEU A 260 -3.00 -7.22 -1.69
C LEU A 260 -4.15 -7.59 -2.62
N ILE A 261 -3.86 -8.52 -3.52
CA ILE A 261 -4.88 -9.20 -4.31
C ILE A 261 -4.80 -10.68 -3.96
N LEU A 262 -5.95 -11.30 -3.70
CA LEU A 262 -5.97 -12.71 -3.32
C LEU A 262 -7.09 -13.44 -4.05
N VAL A 263 -6.72 -14.52 -4.75
CA VAL A 263 -7.66 -15.42 -5.39
C VAL A 263 -7.55 -16.77 -4.70
N THR A 264 -8.68 -17.29 -4.20
CA THR A 264 -8.74 -18.63 -3.63
C THR A 264 -9.87 -19.37 -4.32
N TYR A 265 -9.49 -20.37 -5.13
CA TYR A 265 -10.45 -21.22 -5.82
C TYR A 265 -10.39 -22.62 -5.25
N PHE A 266 -11.55 -23.27 -5.13
CA PHE A 266 -11.62 -24.60 -4.55
C PHE A 266 -12.75 -25.37 -5.21
N THR A 267 -12.47 -26.63 -5.56
CA THR A 267 -13.46 -27.50 -6.18
C THR A 267 -13.18 -28.93 -5.74
N GLN A 268 -14.18 -29.78 -5.86
CA GLN A 268 -14.15 -31.10 -5.24
C GLN A 268 -14.56 -32.18 -6.23
N PRO A 269 -14.21 -33.44 -5.95
CA PRO A 269 -14.45 -34.51 -6.94
C PRO A 269 -15.90 -34.92 -7.05
N GLN A 270 -16.73 -34.70 -6.02
CA GLN A 270 -18.09 -35.24 -6.01
C GLN A 270 -19.06 -34.20 -6.59
N PRO A 271 -19.95 -34.58 -7.50
CA PRO A 271 -20.87 -33.57 -8.08
C PRO A 271 -21.70 -32.83 -7.05
N LYS A 272 -22.14 -33.53 -5.99
CA LYS A 272 -22.99 -32.93 -4.97
C LYS A 272 -22.23 -32.50 -3.73
N ALA A 273 -20.91 -32.33 -3.84
CA ALA A 273 -20.12 -31.91 -2.69
C ALA A 273 -20.64 -30.56 -2.17
N GLU A 274 -20.54 -30.39 -0.85
CA GLU A 274 -21.00 -29.18 -0.19
C GLU A 274 -19.93 -28.10 -0.22
N SER A 275 -20.38 -26.84 -0.13
CA SER A 275 -19.46 -25.71 -0.15
C SER A 275 -18.52 -25.78 1.04
N ARG A 276 -17.28 -25.29 0.83
CA ARG A 276 -16.24 -25.31 1.85
C ARG A 276 -15.63 -23.91 1.94
N ARG A 277 -16.43 -22.94 2.36
CA ARG A 277 -15.91 -21.59 2.54
C ARG A 277 -14.82 -21.56 3.60
N ASP A 278 -14.88 -22.47 4.58
CA ASP A 278 -13.83 -22.55 5.60
C ASP A 278 -12.46 -22.82 4.98
N VAL A 279 -12.42 -23.57 3.88
CA VAL A 279 -11.14 -23.84 3.22
C VAL A 279 -10.53 -22.55 2.69
N LEU A 280 -11.36 -21.69 2.11
CA LEU A 280 -10.86 -20.41 1.62
C LEU A 280 -10.36 -19.53 2.75
N ALA A 281 -11.08 -19.51 3.88
CA ALA A 281 -10.62 -18.75 5.03
C ALA A 281 -9.27 -19.26 5.50
N SER A 282 -9.10 -20.59 5.60
CA SER A 282 -7.83 -21.14 6.03
CA SER A 282 -7.83 -21.14 6.03
C SER A 282 -6.71 -20.77 5.06
N ALA A 283 -6.99 -20.80 3.76
CA ALA A 283 -5.98 -20.45 2.78
C ALA A 283 -5.53 -19.00 2.93
N ALA A 284 -6.50 -18.09 3.12
CA ALA A 284 -6.15 -16.69 3.33
C ALA A 284 -5.28 -16.52 4.56
N LYS A 285 -5.62 -17.21 5.65
CA LYS A 285 -4.82 -17.12 6.86
C LYS A 285 -3.41 -17.64 6.62
N ILE A 286 -3.28 -18.69 5.82
CA ILE A 286 -1.96 -19.28 5.57
C ILE A 286 -1.08 -18.30 4.79
N VAL A 287 -1.63 -17.71 3.72
CA VAL A 287 -0.79 -16.90 2.84
C VAL A 287 -0.55 -15.50 3.40
N THR A 288 -1.35 -15.05 4.36
CA THR A 288 -1.12 -13.77 5.02
C THR A 288 -0.45 -13.91 6.37
N ASP A 289 -0.19 -15.13 6.82
CA ASP A 289 0.48 -15.36 8.10
C ASP A 289 1.86 -14.72 8.09
N GLY A 290 2.10 -13.77 8.98
CA GLY A 290 3.39 -13.14 9.10
C GLY A 290 3.60 -11.93 8.22
N LEU A 291 2.61 -11.53 7.43
CA LEU A 291 2.73 -10.33 6.61
C LEU A 291 2.82 -9.08 7.50
C THR B 30 36.87 3.88 17.26
N ALA B 31 37.76 2.93 17.48
CA ALA B 31 37.44 1.51 17.33
C ALA B 31 36.58 1.03 18.50
N ASP B 32 36.80 1.60 19.68
CA ASP B 32 35.97 1.29 20.84
C ASP B 32 34.51 1.65 20.56
N VAL B 33 34.26 2.82 20.01
CA VAL B 33 32.89 3.24 19.74
C VAL B 33 32.23 2.29 18.75
N GLN B 34 32.96 1.89 17.71
CA GLN B 34 32.43 0.92 16.76
C GLN B 34 31.98 -0.35 17.47
N GLN B 35 32.78 -0.84 18.41
CA GLN B 35 32.44 -2.07 19.11
C GLN B 35 31.22 -1.88 19.99
N LYS B 36 31.08 -0.71 20.62
CA LYS B 36 29.88 -0.43 21.40
C LYS B 36 28.64 -0.45 20.51
N LEU B 37 28.72 0.20 19.35
CA LEU B 37 27.59 0.20 18.43
C LEU B 37 27.30 -1.22 17.94
N ALA B 38 28.35 -2.00 17.69
CA ALA B 38 28.17 -3.39 17.29
C ALA B 38 27.45 -4.20 18.37
N GLU B 39 27.77 -3.94 19.63
CA GLU B 39 27.11 -4.68 20.71
C GLU B 39 25.68 -4.20 20.90
N LEU B 40 25.46 -2.89 20.84
CA LEU B 40 24.09 -2.36 20.80
C LEU B 40 23.28 -3.03 19.70
N GLU B 41 23.84 -3.06 18.47
CA GLU B 41 23.16 -3.70 17.36
C GLU B 41 22.84 -5.16 17.66
N ARG B 42 23.84 -5.90 18.16
CA ARG B 42 23.63 -7.31 18.48
C ARG B 42 22.44 -7.48 19.42
N GLN B 43 22.46 -6.77 20.55
CA GLN B 43 21.38 -6.89 21.52
C GLN B 43 20.04 -6.47 20.93
N SER B 44 20.04 -5.52 19.99
CA SER B 44 18.79 -5.01 19.43
C SER B 44 18.13 -6.03 18.50
N GLY B 45 18.89 -6.96 17.94
CA GLY B 45 18.36 -7.91 17.00
C GLY B 45 18.17 -7.39 15.60
N GLY B 46 18.54 -6.14 15.33
CA GLY B 46 18.35 -5.55 14.02
C GLY B 46 19.63 -5.08 13.37
N ARG B 47 19.50 -4.12 12.46
CA ARG B 47 20.62 -3.55 11.71
C ARG B 47 20.64 -2.05 11.95
N LEU B 48 21.78 -1.55 12.42
CA LEU B 48 21.92 -0.18 12.89
C LEU B 48 22.89 0.57 11.99
N GLY B 49 22.51 1.77 11.57
CA GLY B 49 23.36 2.65 10.80
C GLY B 49 23.53 4.00 11.47
N VAL B 50 24.78 4.43 11.67
CA VAL B 50 25.08 5.64 12.42
C VAL B 50 26.08 6.48 11.64
N ALA B 51 25.83 7.79 11.58
CA ALA B 51 26.77 8.74 11.00
C ALA B 51 26.74 10.00 11.86
N LEU B 52 27.86 10.27 12.55
CA LEU B 52 28.03 11.48 13.36
C LEU B 52 29.11 12.34 12.73
N ILE B 53 28.80 13.63 12.54
CA ILE B 53 29.77 14.62 12.09
C ILE B 53 29.93 15.65 13.20
N ASN B 54 31.18 15.86 13.63
CA ASN B 54 31.53 16.88 14.61
C ASN B 54 32.14 18.05 13.84
N THR B 55 31.42 19.16 13.75
CA THR B 55 31.89 20.29 12.96
C THR B 55 33.04 21.04 13.62
N ALA B 56 33.39 20.69 14.87
CA ALA B 56 34.55 21.31 15.50
C ALA B 56 35.82 21.03 14.69
N ASP B 57 36.02 19.77 14.28
CA ASP B 57 37.22 19.37 13.56
C ASP B 57 36.91 18.48 12.36
N ASN B 58 35.64 18.36 11.97
CA ASN B 58 35.21 17.54 10.85
C ASN B 58 35.52 16.06 11.05
N SER B 59 35.64 15.63 12.30
CA SER B 59 35.76 14.22 12.60
C SER B 59 34.39 13.54 12.51
N GLN B 60 34.42 12.22 12.36
CA GLN B 60 33.20 11.45 12.14
C GLN B 60 33.28 10.13 12.89
N ILE B 61 32.11 9.63 13.28
CA ILE B 61 31.95 8.25 13.75
C ILE B 61 30.95 7.58 12.82
N LEU B 62 31.39 6.52 12.16
CA LEU B 62 30.63 5.87 11.10
C LEU B 62 30.42 4.40 11.44
N TYR B 63 29.19 3.93 11.31
CA TYR B 63 28.86 2.52 11.54
C TYR B 63 27.82 2.12 10.50
N ARG B 64 28.18 1.20 9.61
CA ARG B 64 27.34 0.86 8.46
C ARG B 64 26.89 2.13 7.73
N ALA B 65 27.75 3.14 7.73
CA ALA B 65 27.37 4.46 7.22
C ALA B 65 27.23 4.48 5.70
N ASP B 66 27.75 3.47 5.00
CA ASP B 66 27.61 3.38 3.56
C ASP B 66 26.57 2.35 3.12
N GLU B 67 25.90 1.71 4.07
CA GLU B 67 24.81 0.81 3.73
C GLU B 67 23.51 1.61 3.54
N ARG B 68 22.60 1.02 2.78
CA ARG B 68 21.33 1.68 2.47
C ARG B 68 20.29 1.31 3.52
N PHE B 69 19.50 2.31 3.91
CA PHE B 69 18.38 2.15 4.81
C PHE B 69 17.17 2.87 4.24
N ALA B 70 15.99 2.32 4.49
CA ALA B 70 14.77 3.02 4.15
C ALA B 70 14.67 4.30 4.98
N MET B 71 14.58 5.44 4.30
CA MET B 71 14.53 6.73 4.99
C MET B 71 13.23 6.91 5.76
N CYS B 72 12.13 6.38 5.24
CA CYS B 72 10.82 6.67 5.76
C CYS B 72 10.66 8.18 5.90
N SER B 73 10.08 8.64 7.01
CA SER B 73 9.75 10.07 7.12
C SER B 73 10.96 11.02 7.24
N THR B 74 12.20 10.49 7.40
CA THR B 74 13.36 11.40 7.41
C THR B 74 13.53 12.05 6.04
N SER B 75 12.94 11.43 5.01
CA SER B 75 12.97 12.01 3.67
C SER B 75 12.18 13.31 3.59
N LYS B 76 11.30 13.59 4.55
CA LYS B 76 10.53 14.82 4.52
C LYS B 76 11.42 16.05 4.66
N VAL B 77 12.63 15.90 5.21
CA VAL B 77 13.56 17.03 5.21
C VAL B 77 13.94 17.40 3.79
N MET B 78 14.21 16.39 2.95
CA MET B 78 14.60 16.69 1.57
C MET B 78 13.46 17.37 0.82
N ALA B 79 12.22 16.88 1.02
CA ALA B 79 11.07 17.47 0.34
C ALA B 79 10.84 18.91 0.78
N ALA B 80 10.90 19.15 2.10
CA ALA B 80 10.75 20.51 2.59
C ALA B 80 11.87 21.42 2.07
N ALA B 81 13.09 20.88 2.01
CA ALA B 81 14.22 21.68 1.51
C ALA B 81 14.05 22.04 0.05
N ALA B 82 13.52 21.12 -0.76
CA ALA B 82 13.32 21.40 -2.17
C ALA B 82 12.32 22.53 -2.37
N VAL B 83 11.26 22.56 -1.55
CA VAL B 83 10.29 23.65 -1.63
C VAL B 83 10.94 24.97 -1.19
N LEU B 84 11.73 24.93 -0.11
CA LEU B 84 12.46 26.13 0.29
C LEU B 84 13.38 26.61 -0.83
N LYS B 85 14.09 25.70 -1.47
CA LYS B 85 14.94 26.08 -2.60
C LYS B 85 14.11 26.71 -3.70
N LYS B 86 12.97 26.09 -4.03
CA LYS B 86 12.07 26.65 -5.04
C LYS B 86 11.64 28.06 -4.68
N SER B 87 11.39 28.31 -3.38
CA SER B 87 10.96 29.64 -2.96
C SER B 87 12.06 30.69 -3.09
N GLU B 88 13.32 30.28 -3.24
CA GLU B 88 14.38 31.26 -3.42
C GLU B 88 14.21 32.05 -4.70
N SER B 89 13.49 31.52 -5.68
CA SER B 89 13.15 32.24 -6.90
C SER B 89 11.67 32.51 -7.04
N GLU B 90 10.85 32.16 -6.04
CA GLU B 90 9.42 32.43 -6.02
C GLU B 90 9.10 32.97 -4.64
N PRO B 91 9.28 34.28 -4.41
CA PRO B 91 9.34 34.78 -3.03
C PRO B 91 8.08 34.53 -2.21
N ASN B 92 6.90 34.58 -2.81
CA ASN B 92 5.66 34.39 -2.07
C ASN B 92 5.19 32.93 -2.08
N LEU B 93 6.08 32.00 -2.46
CA LEU B 93 5.66 30.62 -2.68
C LEU B 93 5.06 30.00 -1.41
N LEU B 94 5.68 30.25 -0.26
CA LEU B 94 5.26 29.58 0.97
C LEU B 94 3.88 30.02 1.43
N ASN B 95 3.36 31.13 0.91
CA ASN B 95 2.01 31.56 1.24
C ASN B 95 0.94 31.01 0.31
N GLN B 96 1.33 30.34 -0.78
CA GLN B 96 0.34 29.81 -1.70
C GLN B 96 -0.47 28.71 -1.04
N ARG B 97 -1.76 28.64 -1.40
CA ARG B 97 -2.71 27.73 -0.76
C ARG B 97 -2.78 26.41 -1.53
N VAL B 98 -2.92 25.31 -0.79
CA VAL B 98 -3.05 23.98 -1.35
C VAL B 98 -4.35 23.37 -0.82
N GLU B 99 -5.16 22.82 -1.72
CA GLU B 99 -6.40 22.18 -1.31
C GLU B 99 -6.11 20.87 -0.58
N ILE B 100 -6.78 20.67 0.55
CA ILE B 100 -6.73 19.40 1.28
C ILE B 100 -8.07 18.70 1.04
N LYS B 101 -8.03 17.56 0.36
CA LYS B 101 -9.23 16.84 -0.01
C LYS B 101 -9.39 15.58 0.82
N LYS B 102 -10.64 15.19 1.05
CA LYS B 102 -10.91 13.94 1.77
C LYS B 102 -10.18 12.78 1.13
N SER B 103 -10.19 12.72 -0.20
CA SER B 103 -9.49 11.66 -0.92
C SER B 103 -7.97 11.77 -0.81
N ASP B 104 -7.44 12.87 -0.27
CA ASP B 104 -6.00 12.96 -0.04
C ASP B 104 -5.57 12.21 1.21
N LEU B 105 -6.47 12.01 2.17
CA LEU B 105 -6.09 11.42 3.44
C LEU B 105 -5.51 10.02 3.25
N VAL B 106 -4.45 9.72 3.99
CA VAL B 106 -3.85 8.39 3.94
C VAL B 106 -3.84 7.80 5.35
N ASN B 107 -2.70 7.24 5.76
CA ASN B 107 -2.64 6.48 7.01
C ASN B 107 -2.34 7.33 8.23
N TYR B 108 -1.69 8.48 8.07
CA TYR B 108 -1.26 9.29 9.21
C TYR B 108 -1.33 10.76 8.79
N ASN B 109 -2.40 11.44 9.20
CA ASN B 109 -2.68 12.80 8.75
C ASN B 109 -3.02 13.71 9.94
N PRO B 110 -2.16 13.76 10.96
CA PRO B 110 -2.53 14.46 12.19
C PRO B 110 -2.92 15.92 11.99
N ILE B 111 -2.26 16.63 11.07
CA ILE B 111 -2.60 18.02 10.81
C ILE B 111 -3.57 18.15 9.65
N ALA B 112 -3.31 17.42 8.56
CA ALA B 112 -4.12 17.58 7.35
C ALA B 112 -5.57 17.18 7.59
N GLU B 113 -5.81 16.17 8.44
CA GLU B 113 -7.18 15.75 8.68
C GLU B 113 -8.02 16.87 9.27
N LYS B 114 -7.38 17.82 9.94
CA LYS B 114 -8.07 18.96 10.53
C LYS B 114 -8.46 20.01 9.49
N HIS B 115 -7.87 19.97 8.30
CA HIS B 115 -8.11 20.96 7.25
C HIS B 115 -8.79 20.37 6.03
N VAL B 116 -9.36 19.16 6.15
CA VAL B 116 -10.08 18.56 5.04
C VAL B 116 -11.19 19.50 4.58
N ASN B 117 -11.41 19.55 3.26
CA ASN B 117 -12.35 20.46 2.63
C ASN B 117 -11.92 21.91 2.72
N GLY B 118 -10.70 22.18 3.18
CA GLY B 118 -10.14 23.51 3.21
C GLY B 118 -8.79 23.56 2.53
N THR B 119 -7.96 24.53 2.89
CA THR B 119 -6.63 24.64 2.32
C THR B 119 -5.61 24.80 3.43
N MET B 120 -4.35 24.57 3.06
CA MET B 120 -3.19 24.89 3.88
C MET B 120 -2.16 25.58 3.00
N SER B 121 -1.40 26.48 3.60
CA SER B 121 -0.30 27.08 2.85
C SER B 121 0.85 26.09 2.73
N LEU B 122 1.74 26.34 1.77
CA LEU B 122 2.92 25.50 1.67
C LEU B 122 3.78 25.60 2.91
N ALA B 123 3.81 26.77 3.55
CA ALA B 123 4.50 26.91 4.83
C ALA B 123 3.88 26.00 5.88
N GLU B 124 2.56 26.05 6.03
CA GLU B 124 1.89 25.20 7.01
C GLU B 124 2.12 23.72 6.68
N LEU B 125 2.18 23.38 5.39
CA LEU B 125 2.41 21.99 5.01
C LEU B 125 3.85 21.57 5.32
N SER B 126 4.81 22.47 5.11
CA SER B 126 6.20 22.16 5.47
C SER B 126 6.32 21.89 6.96
N ALA B 127 5.73 22.75 7.79
CA ALA B 127 5.78 22.54 9.23
C ALA B 127 5.06 21.25 9.61
N ALA B 128 3.90 20.99 9.00
CA ALA B 128 3.14 19.79 9.32
C ALA B 128 3.94 18.52 9.02
N ALA B 129 4.62 18.50 7.88
CA ALA B 129 5.43 17.35 7.52
C ALA B 129 6.61 17.20 8.46
N LEU B 130 7.28 18.30 8.79
CA LEU B 130 8.53 18.22 9.56
C LEU B 130 8.28 18.01 11.05
N GLN B 131 7.25 18.65 11.60
CA GLN B 131 7.07 18.70 13.05
C GLN B 131 6.06 17.69 13.57
N TYR B 132 5.19 17.17 12.70
CA TYR B 132 4.22 16.16 13.08
C TYR B 132 4.30 14.92 12.19
N SER B 133 5.16 14.93 11.18
CA SER B 133 5.29 13.81 10.24
C SER B 133 3.97 13.51 9.55
N ASP B 134 3.22 14.56 9.23
CA ASP B 134 2.00 14.41 8.46
C ASP B 134 2.31 13.88 7.07
N ASN B 135 1.63 12.80 6.68
CA ASN B 135 1.93 12.18 5.39
C ASN B 135 1.24 12.88 4.23
N VAL B 136 0.05 13.44 4.44
CA VAL B 136 -0.59 14.22 3.39
C VAL B 136 0.28 15.42 3.05
N ALA B 137 0.81 16.09 4.07
CA ALA B 137 1.69 17.24 3.84
C ALA B 137 2.89 16.85 2.99
N MET B 138 3.51 15.72 3.31
CA MET B 138 4.62 15.23 2.49
C MET B 138 4.19 15.07 1.05
N ASN B 139 3.03 14.44 0.82
CA ASN B 139 2.55 14.23 -0.54
C ASN B 139 2.36 15.55 -1.27
N LYS B 140 1.90 16.58 -0.57
CA LYS B 140 1.74 17.89 -1.22
C LYS B 140 3.09 18.51 -1.52
N LEU B 141 4.07 18.34 -0.62
CA LEU B 141 5.41 18.87 -0.87
C LEU B 141 6.04 18.21 -2.09
N ILE B 142 5.96 16.87 -2.15
CA ILE B 142 6.48 16.13 -3.31
C ILE B 142 5.82 16.62 -4.59
N ALA B 143 4.49 16.70 -4.58
CA ALA B 143 3.77 17.07 -5.78
C ALA B 143 4.16 18.47 -6.25
N HIS B 144 4.41 19.37 -5.30
CA HIS B 144 4.65 20.76 -5.67
C HIS B 144 5.97 20.94 -6.40
N VAL B 145 6.96 20.08 -6.16
CA VAL B 145 8.24 20.19 -6.85
C VAL B 145 8.32 19.28 -8.07
N GLY B 146 7.23 18.59 -8.41
CA GLY B 146 7.16 17.82 -9.63
C GLY B 146 7.16 16.32 -9.45
N GLY B 147 7.19 15.81 -8.22
CA GLY B 147 7.16 14.38 -7.99
C GLY B 147 8.44 13.86 -7.36
N PRO B 148 8.45 12.58 -6.99
CA PRO B 148 9.63 12.03 -6.30
C PRO B 148 10.92 12.19 -7.08
N ALA B 149 10.87 12.08 -8.40
CA ALA B 149 12.08 12.21 -9.20
C ALA B 149 12.70 13.60 -9.08
N SER B 150 11.86 14.62 -8.84
CA SER B 150 12.37 15.98 -8.68
C SER B 150 12.98 16.21 -7.30
N VAL B 151 12.44 15.58 -6.25
CA VAL B 151 13.12 15.63 -4.96
C VAL B 151 14.48 14.99 -5.05
N THR B 152 14.58 13.89 -5.80
CA THR B 152 15.88 13.24 -6.01
C THR B 152 16.81 14.15 -6.80
N ALA B 153 16.31 14.80 -7.85
CA ALA B 153 17.14 15.73 -8.61
C ALA B 153 17.65 16.86 -7.71
N PHE B 154 16.85 17.30 -6.75
CA PHE B 154 17.31 18.33 -5.82
C PHE B 154 18.51 17.82 -5.03
N ALA B 155 18.41 16.59 -4.50
CA ALA B 155 19.53 16.00 -3.78
C ALA B 155 20.77 15.90 -4.66
N ARG B 156 20.61 15.49 -5.92
CA ARG B 156 21.74 15.45 -6.84
C ARG B 156 22.37 16.83 -6.98
N GLN B 157 21.55 17.87 -7.09
CA GLN B 157 22.07 19.23 -7.18
C GLN B 157 22.95 19.57 -5.98
N LEU B 158 22.67 18.95 -4.83
CA LEU B 158 23.46 19.17 -3.62
C LEU B 158 24.68 18.25 -3.54
N GLY B 159 24.97 17.49 -4.58
CA GLY B 159 26.08 16.56 -4.55
C GLY B 159 25.77 15.24 -3.86
N ASP B 160 24.52 14.99 -3.51
CA ASP B 160 24.13 13.73 -2.89
C ASP B 160 23.73 12.76 -4.00
N GLU B 161 24.59 11.80 -4.30
CA GLU B 161 24.32 10.81 -5.33
C GLU B 161 23.68 9.54 -4.79
N THR B 162 23.44 9.48 -3.48
CA THR B 162 22.93 8.27 -2.83
C THR B 162 21.43 8.33 -2.56
N PHE B 163 20.94 9.47 -2.08
CA PHE B 163 19.52 9.67 -1.84
C PHE B 163 18.72 9.30 -3.08
N ARG B 164 17.63 8.56 -2.87
CA ARG B 164 16.66 8.33 -3.93
C ARG B 164 15.27 8.25 -3.33
N LEU B 165 14.37 9.07 -3.84
CA LEU B 165 12.95 9.02 -3.49
C LEU B 165 12.20 8.49 -4.70
N ASP B 166 11.46 7.40 -4.49
CA ASP B 166 10.82 6.68 -5.58
C ASP B 166 9.30 6.71 -5.51
N ARG B 167 8.74 6.79 -4.32
CA ARG B 167 7.31 6.64 -4.11
C ARG B 167 6.78 7.75 -3.22
N THR B 168 5.45 7.82 -3.15
CA THR B 168 4.75 8.77 -2.32
C THR B 168 4.37 8.12 -0.99
N GLU B 169 3.71 8.90 -0.13
CA GLU B 169 3.16 8.36 1.11
C GLU B 169 1.87 7.62 0.79
N PRO B 170 1.63 6.48 1.47
CA PRO B 170 2.44 5.87 2.53
C PRO B 170 3.40 4.78 2.05
N THR B 171 3.34 4.39 0.77
CA THR B 171 4.10 3.22 0.34
C THR B 171 5.61 3.43 0.39
N LEU B 172 6.09 4.67 0.53
CA LEU B 172 7.53 4.87 0.61
C LEU B 172 8.12 4.34 1.91
N ASN B 173 7.29 3.89 2.86
CA ASN B 173 7.77 3.38 4.14
C ASN B 173 7.75 1.85 4.22
N THR B 174 7.58 1.14 3.11
CA THR B 174 7.48 -0.32 3.18
C THR B 174 8.74 -0.92 3.82
N ALA B 175 9.91 -0.39 3.47
CA ALA B 175 11.17 -0.74 4.12
C ALA B 175 11.49 -2.23 4.01
N ILE B 176 11.26 -2.79 2.83
CA ILE B 176 11.52 -4.22 2.62
C ILE B 176 13.03 -4.45 2.50
N PRO B 177 13.60 -5.38 3.26
CA PRO B 177 15.04 -5.67 3.11
C PRO B 177 15.39 -6.04 1.68
N GLY B 178 16.51 -5.49 1.20
CA GLY B 178 16.94 -5.69 -0.16
C GLY B 178 16.36 -4.70 -1.16
N ASP B 179 15.34 -3.94 -0.77
CA ASP B 179 14.68 -3.01 -1.67
C ASP B 179 15.42 -1.68 -1.66
N PRO B 180 15.95 -1.21 -2.79
CA PRO B 180 16.66 0.09 -2.79
C PRO B 180 15.74 1.30 -2.86
N ARG B 181 14.46 1.12 -3.12
CA ARG B 181 13.56 2.26 -3.25
C ARG B 181 13.52 3.06 -1.96
N ASP B 182 13.58 4.38 -2.10
CA ASP B 182 13.34 5.30 -0.98
C ASP B 182 14.36 5.09 0.14
N THR B 183 15.62 4.86 -0.24
CA THR B 183 16.70 4.62 0.71
C THR B 183 17.79 5.66 0.55
N THR B 184 18.65 5.72 1.56
CA THR B 184 19.92 6.44 1.47
C THR B 184 20.87 5.82 2.49
N SER B 185 22.08 6.33 2.54
CA SER B 185 23.03 5.87 3.53
C SER B 185 23.16 6.89 4.66
N PRO B 186 23.55 6.47 5.86
CA PRO B 186 23.76 7.43 6.94
C PRO B 186 24.79 8.49 6.59
N ARG B 187 25.87 8.12 5.90
CA ARG B 187 26.88 9.09 5.52
C ARG B 187 26.29 10.16 4.61
N ALA B 188 25.59 9.72 3.55
CA ALA B 188 25.04 10.66 2.58
C ALA B 188 24.07 11.61 3.26
N MET B 189 23.18 11.08 4.11
N MET B 189 23.18 11.10 4.11
CA MET B 189 22.18 11.93 4.76
CA MET B 189 22.18 11.95 4.74
C MET B 189 22.81 12.87 5.78
C MET B 189 22.80 12.86 5.79
N ALA B 190 23.86 12.41 6.47
CA ALA B 190 24.55 13.27 7.43
C ALA B 190 25.21 14.44 6.72
N GLN B 191 25.92 14.17 5.62
CA GLN B 191 26.54 15.24 4.86
C GLN B 191 25.50 16.17 4.25
N THR B 192 24.41 15.62 3.73
CA THR B 192 23.39 16.48 3.13
C THR B 192 22.70 17.32 4.21
N LEU B 193 22.40 16.73 5.36
CA LEU B 193 21.78 17.49 6.44
C LEU B 193 22.71 18.59 6.93
N ARG B 194 24.01 18.31 7.00
CA ARG B 194 24.95 19.37 7.36
C ARG B 194 24.86 20.52 6.37
N ASN B 195 24.87 20.21 5.06
CA ASN B 195 24.82 21.25 4.05
C ASN B 195 23.51 22.03 4.12
N LEU B 196 22.40 21.35 4.44
CA LEU B 196 21.11 22.02 4.50
C LEU B 196 20.98 22.91 5.74
N THR B 197 21.40 22.41 6.91
CA THR B 197 21.15 23.12 8.16
C THR B 197 22.30 24.00 8.61
N LEU B 198 23.54 23.67 8.22
CA LEU B 198 24.70 24.47 8.59
C LEU B 198 25.49 24.98 7.40
N GLY B 199 25.32 24.39 6.22
CA GLY B 199 26.07 24.78 5.05
C GLY B 199 25.31 25.77 4.19
N LYS B 200 25.67 25.81 2.90
CA LYS B 200 25.15 26.80 1.98
C LYS B 200 24.29 26.17 0.88
N ALA B 201 23.68 25.02 1.17
CA ALA B 201 22.76 24.40 0.23
C ALA B 201 21.56 25.31 -0.02
N LEU B 202 21.03 25.93 1.03
CA LEU B 202 19.92 26.85 0.94
C LEU B 202 20.39 28.28 1.23
N GLY B 203 19.65 29.26 0.70
CA GLY B 203 19.85 30.64 1.10
C GLY B 203 19.74 30.77 2.60
N ASP B 204 20.43 31.76 3.18
CA ASP B 204 20.50 31.82 4.64
C ASP B 204 19.11 32.04 5.25
N SER B 205 18.27 32.82 4.59
CA SER B 205 16.90 32.98 5.07
C SER B 205 16.15 31.66 5.07
N GLN B 206 16.33 30.86 4.01
CA GLN B 206 15.65 29.57 3.92
C GLN B 206 16.23 28.58 4.92
N ARG B 207 17.56 28.59 5.07
CA ARG B 207 18.21 27.73 6.07
C ARG B 207 17.67 28.02 7.46
N ALA B 208 17.49 29.31 7.79
CA ALA B 208 16.95 29.67 9.10
C ALA B 208 15.54 29.12 9.27
N GLN B 209 14.73 29.15 8.20
CA GLN B 209 13.37 28.61 8.30
C GLN B 209 13.39 27.11 8.50
N LEU B 210 14.26 26.40 7.77
CA LEU B 210 14.36 24.95 7.95
C LEU B 210 14.77 24.61 9.37
N VAL B 211 15.78 25.30 9.90
CA VAL B 211 16.26 25.01 11.24
C VAL B 211 15.20 25.32 12.28
N THR B 212 14.54 26.47 12.15
CA THR B 212 13.46 26.81 13.08
C THR B 212 12.39 25.73 13.09
N TRP B 213 11.97 25.29 11.89
CA TRP B 213 10.96 24.23 11.81
C TRP B 213 11.43 22.97 12.53
N MET B 214 12.67 22.54 12.24
CA MET B 214 13.16 21.30 12.82
C MET B 214 13.33 21.40 14.33
N LYS B 215 13.75 22.56 14.83
CA LYS B 215 13.84 22.76 16.28
C LYS B 215 12.47 22.69 16.94
N GLY B 216 11.40 22.87 16.19
CA GLY B 216 10.05 22.75 16.69
C GLY B 216 9.41 21.40 16.50
N ASN B 217 10.19 20.38 16.16
CA ASN B 217 9.63 19.04 16.00
C ASN B 217 9.00 18.57 17.30
N THR B 218 7.91 17.81 17.17
CA THR B 218 7.21 17.27 18.33
C THR B 218 7.36 15.76 18.48
N THR B 219 8.03 15.09 17.55
CA THR B 219 8.04 13.63 17.50
C THR B 219 9.34 13.00 18.00
N GLY B 220 10.35 13.79 18.38
CA GLY B 220 11.68 13.28 18.60
C GLY B 220 12.12 13.13 20.05
N ALA B 221 11.21 13.26 21.02
CA ALA B 221 11.64 13.31 22.41
C ALA B 221 12.23 11.99 22.89
N ALA B 222 11.81 10.87 22.31
CA ALA B 222 12.26 9.56 22.75
C ALA B 222 13.39 8.99 21.90
N SER B 223 13.86 9.72 20.90
CA SER B 223 14.88 9.19 20.00
C SER B 223 16.23 9.83 20.29
N ILE B 224 16.88 10.45 19.30
CA ILE B 224 18.22 11.00 19.52
C ILE B 224 18.22 11.89 20.76
N GLN B 225 17.23 12.77 20.87
N GLN B 225 17.22 12.76 20.89
CA GLN B 225 17.16 13.67 22.02
CA GLN B 225 17.20 13.67 22.03
C GLN B 225 17.25 12.90 23.34
C GLN B 225 17.21 12.92 23.35
N ALA B 226 16.61 11.73 23.41
CA ALA B 226 16.59 10.96 24.65
C ALA B 226 17.98 10.47 25.08
N GLY B 227 18.97 10.53 24.20
CA GLY B 227 20.32 10.14 24.53
C GLY B 227 21.29 11.27 24.80
N LEU B 228 20.82 12.51 24.82
CA LEU B 228 21.66 13.68 24.95
C LEU B 228 21.32 14.43 26.24
N PRO B 229 22.25 15.22 26.76
CA PRO B 229 21.92 16.08 27.90
C PRO B 229 20.78 17.01 27.56
N ALA B 230 19.97 17.33 28.58
CA ALA B 230 18.78 18.13 28.35
C ALA B 230 19.12 19.53 27.86
N SER B 231 20.30 20.05 28.21
CA SER B 231 20.67 21.41 27.83
C SER B 231 21.05 21.55 26.36
N TRP B 232 21.19 20.45 25.62
CA TRP B 232 21.57 20.54 24.22
C TRP B 232 20.35 20.82 23.36
N VAL B 233 20.52 21.68 22.36
CA VAL B 233 19.44 22.08 21.47
C VAL B 233 19.46 21.17 20.25
N VAL B 234 18.29 20.64 19.88
CA VAL B 234 18.19 19.63 18.83
C VAL B 234 17.12 20.04 17.83
N GLY B 235 17.46 19.93 16.54
CA GLY B 235 16.48 19.95 15.49
C GLY B 235 16.54 18.63 14.75
N ASP B 236 15.45 17.87 14.75
CA ASP B 236 15.49 16.51 14.26
C ASP B 236 14.23 16.19 13.45
N LYS B 237 14.34 15.14 12.66
CA LYS B 237 13.21 14.55 11.95
C LYS B 237 13.27 13.05 12.15
N THR B 238 12.21 12.48 12.71
CA THR B 238 12.11 11.05 12.96
C THR B 238 11.53 10.34 11.75
N GLY B 239 11.59 9.01 11.78
CA GLY B 239 10.94 8.21 10.76
C GLY B 239 10.53 6.84 11.29
N SER B 240 9.39 6.33 10.81
CA SER B 240 8.89 5.01 11.18
C SER B 240 8.36 4.31 9.94
N GLY B 241 8.60 3.01 9.85
CA GLY B 241 8.14 2.26 8.70
C GLY B 241 8.06 0.78 8.98
N GLY B 242 7.82 0.03 7.90
CA GLY B 242 7.76 -1.41 8.00
C GLY B 242 9.05 -2.01 8.54
N TYR B 243 8.95 -3.28 8.89
CA TYR B 243 10.07 -4.02 9.47
C TYR B 243 10.62 -3.29 10.69
N GLY B 244 9.73 -2.67 11.46
CA GLY B 244 10.12 -1.96 12.67
C GLY B 244 11.17 -0.90 12.42
N THR B 245 11.19 -0.32 11.22
CA THR B 245 12.17 0.70 10.90
C THR B 245 11.96 1.93 11.77
N THR B 246 13.05 2.40 12.37
CA THR B 246 13.02 3.48 13.35
C THR B 246 14.22 4.38 13.06
N ASN B 247 13.95 5.63 12.65
CA ASN B 247 15.00 6.52 12.16
C ASN B 247 14.92 7.87 12.88
N ASP B 248 16.04 8.59 12.84
CA ASP B 248 16.11 9.96 13.33
C ASP B 248 17.37 10.61 12.77
N ILE B 249 17.22 11.83 12.24
CA ILE B 249 18.35 12.63 11.78
C ILE B 249 18.26 13.99 12.43
N ALA B 250 19.40 14.51 12.88
CA ALA B 250 19.37 15.68 13.75
C ALA B 250 20.58 16.56 13.52
N VAL B 251 20.35 17.87 13.68
CA VAL B 251 21.40 18.86 13.88
C VAL B 251 21.36 19.24 15.35
N ILE B 252 22.53 19.28 15.99
CA ILE B 252 22.63 19.38 17.44
C ILE B 252 23.59 20.50 17.79
N TRP B 253 23.15 21.41 18.67
CA TRP B 253 24.02 22.43 19.24
C TRP B 253 24.29 22.06 20.69
N PRO B 254 25.36 21.34 20.98
CA PRO B 254 25.65 21.00 22.37
C PRO B 254 26.05 22.24 23.16
N LYS B 255 25.90 22.14 24.48
CA LYS B 255 26.28 23.24 25.34
C LYS B 255 27.79 23.46 25.26
N ASP B 256 28.19 24.65 24.81
CA ASP B 256 29.59 25.06 24.79
C ASP B 256 30.43 24.21 23.84
N ARG B 257 29.84 23.73 22.75
CA ARG B 257 30.57 22.98 21.74
C ARG B 257 30.01 23.30 20.37
N ALA B 258 30.84 23.10 19.34
CA ALA B 258 30.40 23.31 17.97
C ALA B 258 29.27 22.33 17.63
N PRO B 259 28.43 22.66 16.66
CA PRO B 259 27.30 21.79 16.36
C PRO B 259 27.73 20.45 15.79
N LEU B 260 26.82 19.48 15.92
CA LEU B 260 26.98 18.14 15.39
C LEU B 260 25.86 17.85 14.40
N ILE B 261 26.11 16.89 13.52
CA ILE B 261 25.08 16.25 12.71
C ILE B 261 25.09 14.78 13.06
N LEU B 262 23.90 14.21 13.31
CA LEU B 262 23.79 12.81 13.69
C LEU B 262 22.64 12.14 12.95
N VAL B 263 22.94 11.04 12.28
CA VAL B 263 21.95 10.19 11.64
C VAL B 263 21.98 8.83 12.33
N THR B 264 20.83 8.38 12.82
CA THR B 264 20.67 7.04 13.38
C THR B 264 19.53 6.33 12.67
N TYR B 265 19.86 5.32 11.88
CA TYR B 265 18.90 4.51 11.17
C TYR B 265 18.89 3.08 11.75
N PHE B 266 17.71 2.49 11.83
CA PHE B 266 17.56 1.17 12.45
C PHE B 266 16.41 0.43 11.80
N THR B 267 16.62 -0.86 11.52
CA THR B 267 15.58 -1.69 10.91
C THR B 267 15.74 -3.11 11.42
N GLN B 268 14.68 -3.90 11.29
CA GLN B 268 14.57 -5.18 11.96
C GLN B 268 14.12 -6.27 10.99
N PRO B 269 14.34 -7.55 11.33
CA PRO B 269 14.03 -8.61 10.37
C PRO B 269 12.56 -8.94 10.23
N GLN B 270 11.73 -8.65 11.24
CA GLN B 270 10.34 -9.10 11.21
C GLN B 270 9.46 -8.04 10.59
N PRO B 271 8.58 -8.40 9.64
CA PRO B 271 7.68 -7.39 9.06
C PRO B 271 6.84 -6.67 10.10
N LYS B 272 6.42 -7.35 11.17
CA LYS B 272 5.57 -6.75 12.18
C LYS B 272 6.35 -6.23 13.37
N ALA B 273 7.66 -6.04 13.24
CA ALA B 273 8.46 -5.55 14.34
C ALA B 273 7.97 -4.17 14.79
N GLU B 274 8.05 -3.93 16.10
CA GLU B 274 7.65 -2.65 16.65
C GLU B 274 8.82 -1.68 16.63
N SER B 275 8.50 -0.38 16.57
CA SER B 275 9.55 0.63 16.56
C SER B 275 10.38 0.54 17.84
N ARG B 276 11.67 0.89 17.71
CA ARG B 276 12.63 0.81 18.80
C ARG B 276 13.34 2.15 18.91
N ARG B 277 12.59 3.18 19.30
CA ARG B 277 13.18 4.50 19.48
C ARG B 277 14.27 4.49 20.54
N ASP B 278 14.17 3.61 21.53
CA ASP B 278 15.20 3.51 22.56
C ASP B 278 16.56 3.16 21.97
N VAL B 279 16.59 2.39 20.88
CA VAL B 279 17.87 2.03 20.27
C VAL B 279 18.56 3.27 19.72
N LEU B 280 17.80 4.17 19.08
CA LEU B 280 18.41 5.40 18.58
C LEU B 280 18.92 6.28 19.72
N ALA B 281 18.17 6.36 20.82
CA ALA B 281 18.67 7.08 21.99
C ALA B 281 19.97 6.49 22.49
N SER B 282 20.06 5.15 22.54
CA SER B 282 21.28 4.51 23.01
CA SER B 282 21.28 4.51 23.01
C SER B 282 22.45 4.82 22.07
N ALA B 283 22.20 4.74 20.76
CA ALA B 283 23.25 5.05 19.79
C ALA B 283 23.74 6.48 19.95
N ALA B 284 22.80 7.42 20.13
CA ALA B 284 23.18 8.81 20.34
C ALA B 284 24.04 8.97 21.59
N LYS B 285 23.66 8.29 22.68
CA LYS B 285 24.46 8.36 23.90
C LYS B 285 25.85 7.82 23.69
N ILE B 286 25.99 6.74 22.92
CA ILE B 286 27.29 6.12 22.71
C ILE B 286 28.21 7.03 21.94
N VAL B 287 27.73 7.61 20.83
CA VAL B 287 28.62 8.39 19.95
C VAL B 287 28.89 9.79 20.47
N THR B 288 28.08 10.31 21.38
CA THR B 288 28.35 11.62 21.99
C THR B 288 29.02 11.49 23.35
N ASP B 289 29.28 10.27 23.81
CA ASP B 289 29.91 10.04 25.10
C ASP B 289 31.28 10.71 25.13
N GLY B 290 31.47 11.62 26.07
CA GLY B 290 32.73 12.31 26.25
C GLY B 290 32.90 13.58 25.45
N LEU B 291 31.90 13.99 24.68
CA LEU B 291 31.98 15.25 23.95
C LEU B 291 31.96 16.41 24.93
O01 C6S C . -21.64 -18.58 -7.95
B02 C6S C . -22.59 -17.62 -7.92
O03 C6S C . -22.58 -17.07 -6.68
C04 C6S C . -23.48 -17.63 -5.71
C05 C6S C . -24.75 -18.02 -6.10
C06 C6S C . -25.11 -17.82 -7.59
C07 C6S C . -23.93 -18.24 -8.40
N08 C6S C . -23.84 -19.71 -8.20
C09 C6S C . -24.92 -20.64 -8.65
O10 C6S C . -25.92 -20.24 -9.22
C11 C6S C . -24.69 -22.18 -8.34
C12 C6S C . -25.43 -23.08 -9.36
C13 C6S C . -25.17 -24.53 -9.02
C14 C6S C . -25.57 -24.86 -7.59
C15 C6S C . -24.98 -23.86 -6.55
C16 C6S C . -25.19 -22.43 -6.95
C17 C6S C . -25.63 -18.59 -5.17
C18 C6S C . -25.21 -18.73 -3.85
C19 C6S C . -23.91 -18.32 -3.45
C20 C6S C . -23.05 -17.78 -4.38
C21 C6S C . -21.64 -17.32 -3.95
O22 C6S C . -20.81 -18.13 -3.48
O23 C6S C . -21.35 -16.12 -4.08
O01 C6S D . 7.85 7.71 8.88
B02 C6S D . 6.98 8.75 8.84
O03 C6S D . 6.97 9.33 10.07
C04 C6S D . 6.04 8.79 11.03
C05 C6S D . 4.75 8.46 10.61
C06 C6S D . 4.43 8.70 9.13
C07 C6S D . 5.59 8.22 8.34
N08 C6S D . 5.58 6.74 8.57
C09 C6S D . 4.47 5.87 8.08
O10 C6S D . 3.54 6.31 7.46
C11 C6S D . 4.58 4.34 8.46
C12 C6S D . 3.71 3.43 7.55
C13 C6S D . 3.86 2.00 8.02
C14 C6S D . 3.48 1.83 9.47
C15 C6S D . 4.24 2.81 10.40
C16 C6S D . 4.15 4.22 9.91
C17 C6S D . 3.84 7.93 11.54
C18 C6S D . 4.25 7.74 12.86
C19 C6S D . 5.57 8.09 13.27
C20 C6S D . 6.45 8.61 12.35
C21 C6S D . 7.88 9.00 12.76
O22 C6S D . 8.63 8.23 13.38
O23 C6S D . 8.29 10.15 12.46
#